data_6TCV
#
_entry.id   6TCV
#
_cell.length_a   115.495
_cell.length_b   115.495
_cell.length_c   97.422
_cell.angle_alpha   90.000
_cell.angle_beta   90.000
_cell.angle_gamma   120.000
#
_symmetry.space_group_name_H-M   'H 3'
#
loop_
_entity.id
_entity.type
_entity.pdbx_description
1 polymer 'Endo-beta-N-acetylglucosaminidase F1'
2 branched alpha-D-mannopyranose-(1-2)-alpha-D-mannopyranose-(1-2)-alpha-D-mannopyranose-(1-3)-[alpha-D-mannopyranose-(1-2)-alpha-D-mannopyranose-(1-3)-[alpha-D-mannopyranose-(1-2)-alpha-D-mannopyranose-(1-6)]alpha-D-mannopyranose-(1-6)]beta-D-mannopyranose-(1-4)-2-acetamido-2-deoxy-beta-D-glucopyranose-(1-4)-2-acetamido-2-deoxy-beta-D-glucopyranose
3 non-polymer ASPARAGINE
4 non-polymer GLYCEROL
5 water water
#
_entity_poly.entity_id   1
_entity_poly.type   'polypeptide(L)'
_entity_poly.pdbx_seq_one_letter_code
;GDDLEVGKNIDESAYSGIYENNAYLRDGKSNLVSKVVELHGETYATTVKMGLSKTPNTATSAKVKIDAAYLETYNKAHNT
DFALYPQDLVTFANEGILTVNANTKSAEVEMTIRAGEGLQEDKTYAIPVAISDQSSDITIKDEDAKHCIYLVKDMRNAGD
AYKGEGVMQGYLFFEVNDVNPLNTLSFQLENGKLLWDVVVLFAANINYDAEAGRPRVQCNPNVQYLLDNNETLLQPLRRR
GVKVLLGLLGNHDITGLAQLSEQGAKDFAREVAQYCKAYNLDGVNYADLYSNSPDLSNPSLTNPSTAAAARLCYETKQAM
PDKLVTVFDWGQMYGVATVDGVDAKEWIDIVVANYGSAAYPIGQMTKKQCSGISMEFNLGGGGSLSASKAQSMIDGGYGW
FMGFAPSPAKYGSVFSRLQGGGEVLYGSNVAAPTIFYKKNDPTPYKYPDDL
;
_entity_poly.pdbx_strand_id   B
#
loop_
_chem_comp.id
_chem_comp.type
_chem_comp.name
_chem_comp.formula
BMA D-saccharide, beta linking beta-D-mannopyranose 'C6 H12 O6'
GOL non-polymer GLYCEROL 'C3 H8 O3'
MAN D-saccharide, alpha linking alpha-D-mannopyranose 'C6 H12 O6'
NAG D-saccharide, beta linking 2-acetamido-2-deoxy-beta-D-glucopyranose 'C8 H15 N O6'
#
# COMPACT_ATOMS: atom_id res chain seq x y z
N TYR A 24 25.47 -10.08 4.10
CA TYR A 24 24.71 -8.86 4.31
C TYR A 24 23.88 -8.62 5.52
N LEU A 25 23.50 -7.36 5.72
CA LEU A 25 22.82 -7.00 6.93
C LEU A 25 21.39 -6.71 6.57
N ARG A 26 20.51 -7.16 7.44
CA ARG A 26 19.08 -6.94 7.24
C ARG A 26 18.39 -6.97 8.59
N ASP A 27 17.13 -6.54 8.59
CA ASP A 27 16.29 -6.69 9.76
C ASP A 27 15.98 -8.17 9.99
N GLY A 28 16.17 -8.65 11.23
CA GLY A 28 16.03 -10.08 11.46
C GLY A 28 14.61 -10.60 11.37
N LYS A 29 13.63 -9.81 11.75
CA LYS A 29 12.26 -10.34 11.76
C LYS A 29 11.67 -10.45 10.35
N SER A 30 11.89 -9.44 9.50
CA SER A 30 11.34 -9.39 8.14
CA SER A 30 11.33 -9.45 8.15
C SER A 30 12.30 -9.94 7.10
N ASN A 31 13.59 -10.03 7.42
CA ASN A 31 14.70 -10.33 6.50
C ASN A 31 14.86 -9.25 5.43
N LEU A 32 14.35 -8.06 5.67
CA LEU A 32 14.45 -6.97 4.71
C LEU A 32 15.56 -6.01 5.04
N VAL A 33 16.26 -5.55 4.00
CA VAL A 33 17.32 -4.57 4.20
C VAL A 33 16.70 -3.20 4.42
N SER A 34 15.43 -3.02 4.02
CA SER A 34 14.71 -1.77 4.23
C SER A 34 13.35 -2.11 4.81
N LYS A 35 13.07 -1.66 6.04
CA LYS A 35 11.88 -2.07 6.78
C LYS A 35 11.15 -0.84 7.31
N VAL A 36 9.88 -0.70 6.94
CA VAL A 36 9.01 0.34 7.48
C VAL A 36 8.44 -0.12 8.82
N VAL A 37 8.61 0.71 9.85
CA VAL A 37 8.11 0.44 11.21
C VAL A 37 7.06 1.48 11.51
N GLU A 38 5.84 1.03 11.77
CA GLU A 38 4.78 1.90 12.24
C GLU A 38 4.62 1.64 13.73
N LEU A 39 4.81 2.68 14.55
CA LEU A 39 4.72 2.56 16.00
C LEU A 39 3.26 2.72 16.42
N HIS A 40 2.67 1.68 16.98
CA HIS A 40 1.31 1.77 17.53
C HIS A 40 1.34 1.82 19.04
N GLY A 41 2.52 1.75 19.64
CA GLY A 41 2.70 1.79 21.08
C GLY A 41 4.04 2.45 21.35
N GLU A 42 4.48 2.37 22.61
CA GLU A 42 5.70 3.03 23.01
CA GLU A 42 5.69 3.02 23.07
C GLU A 42 6.96 2.28 22.65
N THR A 43 6.89 0.97 22.40
CA THR A 43 8.08 0.22 22.02
C THR A 43 7.85 -0.73 20.84
N TYR A 44 8.94 -0.97 20.09
CA TYR A 44 9.00 -1.93 18.99
C TYR A 44 10.33 -2.66 19.07
N ALA A 45 10.32 -3.99 19.15
CA ALA A 45 11.54 -4.78 19.33
C ALA A 45 11.77 -5.64 18.09
N THR A 46 13.04 -5.73 17.66
CA THR A 46 13.43 -6.54 16.50
C THR A 46 14.88 -7.00 16.70
N THR A 47 15.47 -7.60 15.65
CA THR A 47 16.90 -7.88 15.63
C THR A 47 17.50 -7.31 14.35
N VAL A 48 18.80 -6.99 14.41
CA VAL A 48 19.60 -6.70 13.23
C VAL A 48 20.48 -7.93 13.02
N LYS A 49 20.46 -8.46 11.78
CA LYS A 49 21.08 -9.74 11.47
C LYS A 49 22.14 -9.63 10.39
N MET A 50 23.36 -10.10 10.69
CA MET A 50 24.43 -10.28 9.70
C MET A 50 24.54 -11.70 9.13
N ALA A 62 31.30 -9.28 15.48
CA ALA A 62 30.97 -8.03 14.83
C ALA A 62 30.08 -7.18 15.71
N LYS A 63 30.01 -5.89 15.41
CA LYS A 63 29.06 -5.02 16.09
C LYS A 63 28.23 -4.30 15.05
N VAL A 64 27.13 -3.72 15.53
CA VAL A 64 26.28 -2.81 14.77
C VAL A 64 26.21 -1.48 15.52
N LYS A 65 25.97 -0.42 14.76
CA LYS A 65 25.87 0.93 15.29
C LYS A 65 24.92 1.69 14.38
N ILE A 66 24.29 2.73 14.93
CA ILE A 66 23.60 3.68 14.08
C ILE A 66 24.67 4.48 13.33
N ASP A 67 24.49 4.64 12.03
CA ASP A 67 25.46 5.33 11.19
C ASP A 67 24.79 6.57 10.63
N ALA A 68 24.76 7.63 11.43
CA ALA A 68 24.07 8.84 11.03
C ALA A 68 24.65 9.42 9.74
N ALA A 69 25.98 9.31 9.55
CA ALA A 69 26.59 9.90 8.36
C ALA A 69 26.06 9.22 7.10
N TYR A 70 25.70 7.94 7.20
CA TYR A 70 25.20 7.21 6.05
C TYR A 70 23.84 7.73 5.62
N LEU A 71 23.10 8.39 6.51
CA LEU A 71 21.77 8.84 6.13
C LEU A 71 21.86 9.80 4.94
N GLU A 72 22.91 10.64 4.89
CA GLU A 72 23.05 11.52 3.73
C GLU A 72 23.24 10.71 2.46
N THR A 73 24.06 9.66 2.53
CA THR A 73 24.26 8.82 1.36
C THR A 73 22.96 8.13 0.96
N TYR A 74 22.18 7.64 1.92
CA TYR A 74 20.92 6.96 1.61
C TYR A 74 19.92 7.93 0.98
N ASN A 75 19.74 9.09 1.60
CA ASN A 75 18.81 10.08 1.07
C ASN A 75 19.23 10.53 -0.32
N LYS A 76 20.54 10.69 -0.56
CA LYS A 76 20.98 11.06 -1.91
C LYS A 76 20.66 9.97 -2.92
N ALA A 77 20.89 8.70 -2.55
CA ALA A 77 20.64 7.61 -3.50
C ALA A 77 19.16 7.48 -3.86
N HIS A 78 18.25 7.74 -2.92
CA HIS A 78 16.82 7.59 -3.12
C HIS A 78 16.11 8.90 -3.39
N ASN A 79 16.86 10.01 -3.39
CA ASN A 79 16.27 11.34 -3.52
C ASN A 79 15.17 11.54 -2.49
N THR A 80 15.45 11.15 -1.25
CA THR A 80 14.53 11.30 -0.14
C THR A 80 15.13 12.28 0.86
N ASP A 81 14.37 12.62 1.90
CA ASP A 81 14.81 13.63 2.85
C ASP A 81 14.46 13.21 4.27
N PHE A 82 14.57 11.92 4.56
CA PHE A 82 14.18 11.43 5.88
C PHE A 82 15.13 12.03 6.91
N ALA A 83 14.57 12.45 8.04
CA ALA A 83 15.37 12.88 9.18
C ALA A 83 15.82 11.69 10.00
N LEU A 84 16.90 11.88 10.75
CA LEU A 84 17.43 10.80 11.58
C LEU A 84 16.53 10.63 12.81
N TYR A 85 16.09 9.40 13.05
CA TYR A 85 15.35 9.14 14.28
C TYR A 85 16.25 9.40 15.49
N PRO A 86 15.73 10.02 16.54
CA PRO A 86 16.60 10.31 17.70
C PRO A 86 17.36 9.10 18.20
N GLN A 87 18.69 9.18 18.24
CA GLN A 87 19.50 8.01 18.57
C GLN A 87 19.25 7.52 19.98
N ASP A 88 18.86 8.42 20.90
CA ASP A 88 18.58 8.06 22.29
C ASP A 88 17.37 7.16 22.42
N LEU A 89 16.52 7.05 21.39
CA LEU A 89 15.35 6.20 21.43
C LEU A 89 15.59 4.77 20.96
N VAL A 90 16.81 4.44 20.54
CA VAL A 90 17.15 3.14 19.97
C VAL A 90 18.20 2.47 20.85
N THR A 91 17.90 1.27 21.33
CA THR A 91 18.80 0.53 22.19
C THR A 91 19.15 -0.78 21.51
N PHE A 92 20.45 -1.11 21.44
CA PHE A 92 20.87 -2.45 21.07
C PHE A 92 21.25 -3.16 22.36
N ALA A 93 20.95 -4.45 22.43
CA ALA A 93 21.43 -5.27 23.54
C ALA A 93 22.94 -5.41 23.38
N ILE A 97 27.06 -5.58 20.07
CA ILE A 97 27.80 -6.78 19.69
C ILE A 97 26.85 -7.89 19.26
N LEU A 98 27.12 -8.48 18.09
CA LEU A 98 26.26 -9.52 17.55
C LEU A 98 26.53 -10.84 18.26
N THR A 99 25.45 -11.58 18.51
CA THR A 99 25.56 -12.91 19.12
C THR A 99 25.56 -13.93 17.98
N ALA A 107 24.81 -13.89 12.69
CA ALA A 107 24.96 -13.14 13.94
C ALA A 107 23.88 -12.10 14.05
N GLU A 108 23.36 -11.90 15.25
CA GLU A 108 22.21 -11.02 15.45
C GLU A 108 22.38 -10.26 16.74
N VAL A 109 21.65 -9.15 16.85
CA VAL A 109 21.60 -8.41 18.10
C VAL A 109 20.22 -7.77 18.21
N GLU A 110 19.68 -7.77 19.42
CA GLU A 110 18.38 -7.20 19.67
C GLU A 110 18.45 -5.69 19.57
N MET A 111 17.42 -5.10 18.95
CA MET A 111 17.29 -3.65 18.87
C MET A 111 15.87 -3.28 19.29
N THR A 112 15.74 -2.30 20.17
CA THR A 112 14.43 -1.81 20.59
C THR A 112 14.32 -0.37 20.13
N ILE A 113 13.19 -0.02 19.50
CA ILE A 113 12.88 1.34 19.08
CA ILE A 113 12.92 1.36 19.13
C ILE A 113 11.79 1.88 20.00
N ARG A 114 12.06 2.98 20.69
CA ARG A 114 11.08 3.63 21.56
C ARG A 114 10.46 4.82 20.85
N ALA A 115 9.17 5.01 21.05
CA ALA A 115 8.46 6.17 20.53
C ALA A 115 8.82 7.39 21.36
N GLY A 116 8.98 8.54 20.69
CA GLY A 116 9.40 9.74 21.39
C GLY A 116 8.29 10.79 21.36
N GLU A 117 8.54 11.91 22.04
CA GLU A 117 7.54 12.97 22.04
C GLU A 117 7.87 14.25 21.31
N GLY A 118 9.12 14.51 20.99
CA GLY A 118 9.42 15.72 20.23
C GLY A 118 9.07 15.78 18.77
N LEU A 119 8.56 14.73 18.14
CA LEU A 119 8.67 14.59 16.70
C LEU A 119 7.39 15.00 15.97
N GLN A 120 7.55 15.27 14.67
CA GLN A 120 6.44 15.69 13.82
C GLN A 120 5.78 14.46 13.23
N GLU A 121 4.46 14.37 13.36
CA GLU A 121 3.81 13.19 12.81
C GLU A 121 3.52 13.39 11.32
N ASP A 122 2.99 12.35 10.70
CA ASP A 122 2.94 12.20 9.25
C ASP A 122 4.31 12.41 8.64
N LYS A 123 5.35 11.96 9.35
CA LYS A 123 6.73 12.11 8.94
C LYS A 123 7.50 10.81 9.18
N THR A 124 8.30 10.40 8.21
CA THR A 124 9.14 9.22 8.32
C THR A 124 10.56 9.58 8.75
N TYR A 125 11.05 8.90 9.79
CA TYR A 125 12.41 9.06 10.31
C TYR A 125 13.20 7.80 9.97
N ALA A 126 14.51 7.89 10.01
CA ALA A 126 15.36 6.79 9.60
C ALA A 126 16.30 6.33 10.71
N ILE A 127 16.48 5.02 10.81
CA ILE A 127 17.54 4.43 11.59
C ILE A 127 18.43 3.68 10.63
N PRO A 128 19.53 4.30 10.17
CA PRO A 128 20.50 3.60 9.33
C PRO A 128 21.44 2.85 10.26
N VAL A 129 21.54 1.56 10.06
CA VAL A 129 22.39 0.71 10.89
C VAL A 129 23.49 0.15 10.00
N ALA A 130 24.71 0.17 10.52
CA ALA A 130 25.91 -0.32 9.83
C ALA A 130 26.61 -1.38 10.67
N ILE A 131 27.18 -2.39 10.03
CA ILE A 131 28.04 -3.34 10.75
C ILE A 131 29.39 -2.64 10.99
N ASP A 142 29.17 -6.46 -0.86
CA ASP A 142 29.42 -5.19 -1.50
C ASP A 142 29.34 -4.12 -0.41
N GLU A 143 29.51 -2.84 -0.73
CA GLU A 143 29.43 -1.85 0.35
C GLU A 143 28.00 -1.67 0.86
N ASP A 144 27.01 -1.97 0.01
CA ASP A 144 25.61 -1.90 0.44
C ASP A 144 25.34 -2.93 1.52
N ALA A 145 25.91 -4.15 1.38
CA ALA A 145 25.64 -5.17 2.37
C ALA A 145 26.15 -4.79 3.76
N LYS A 146 26.90 -3.70 3.91
CA LYS A 146 27.24 -3.20 5.24
C LYS A 146 26.11 -2.44 5.94
N HIS A 147 25.00 -2.09 5.26
CA HIS A 147 23.98 -1.29 5.92
C HIS A 147 22.62 -1.93 5.73
N CYS A 148 21.71 -1.72 6.69
CA CYS A 148 20.26 -1.80 6.54
C CYS A 148 19.58 -0.55 7.11
N ILE A 149 18.28 -0.42 6.86
CA ILE A 149 17.57 0.78 7.28
C ILE A 149 16.17 0.49 7.80
N TYR A 150 15.78 1.17 8.89
CA TYR A 150 14.42 1.20 9.40
C TYR A 150 13.82 2.57 9.13
N LEU A 151 12.61 2.60 8.58
CA LEU A 151 11.89 3.82 8.26
C LEU A 151 10.69 3.88 9.20
N VAL A 152 10.78 4.78 10.19
CA VAL A 152 9.92 4.78 11.38
C VAL A 152 8.88 5.87 11.30
N LYS A 153 7.62 5.52 11.54
CA LYS A 153 6.51 6.44 11.64
C LYS A 153 5.75 6.25 12.94
N ASP A 154 5.46 7.33 13.63
CA ASP A 154 4.65 7.27 14.85
C ASP A 154 3.18 7.33 14.48
N MET A 155 2.45 6.24 14.73
CA MET A 155 1.05 6.16 14.38
C MET A 155 0.14 6.09 15.59
N ARG A 156 0.64 6.46 16.76
CA ARG A 156 -0.13 6.27 17.98
C ARG A 156 -1.40 7.08 17.97
N ASN A 157 -1.37 8.25 17.34
CA ASN A 157 -2.55 9.12 17.25
C ASN A 157 -3.43 8.89 16.01
N ALA A 158 -3.01 8.06 15.10
CA ALA A 158 -3.73 7.74 13.85
C ALA A 158 -4.11 6.25 13.85
N GLY A 159 -4.68 5.77 14.94
CA GLY A 159 -4.96 4.37 15.21
C GLY A 159 -6.31 3.80 14.84
N ASP A 160 -7.20 4.55 14.22
N ASP A 160 -7.17 4.57 14.15
CA ASP A 160 -8.58 4.08 14.13
CA ASP A 160 -8.57 4.17 14.02
C ASP A 160 -8.72 2.86 13.23
C ASP A 160 -8.75 2.91 13.19
N ALA A 161 -7.84 2.66 12.26
CA ALA A 161 -7.87 1.48 11.41
C ALA A 161 -7.00 0.33 11.92
N TYR A 162 -6.23 0.54 12.99
CA TYR A 162 -5.27 -0.45 13.48
C TYR A 162 -6.00 -1.41 14.41
N LYS A 163 -6.13 -2.63 13.93
CA LYS A 163 -6.90 -3.65 14.64
C LYS A 163 -6.02 -4.64 15.37
N GLY A 164 -4.72 -4.41 15.49
CA GLY A 164 -3.94 -5.30 16.33
C GLY A 164 -2.85 -5.98 15.51
N GLU A 165 -1.95 -6.59 16.22
CA GLU A 165 -0.86 -7.36 15.67
C GLU A 165 -1.33 -8.73 15.14
N GLY A 166 -0.94 -9.04 13.92
CA GLY A 166 -1.18 -10.34 13.32
C GLY A 166 -2.56 -10.58 12.74
N VAL A 167 -3.42 -9.57 12.72
CA VAL A 167 -4.74 -9.70 12.12
C VAL A 167 -4.71 -9.53 10.60
N MET A 168 -5.72 -10.03 9.94
CA MET A 168 -5.93 -9.73 8.54
C MET A 168 -6.32 -8.26 8.39
N GLN A 169 -6.00 -7.67 7.23
CA GLN A 169 -6.23 -6.26 6.94
C GLN A 169 -7.05 -6.14 5.67
N GLY A 170 -7.78 -5.03 5.55
CA GLY A 170 -8.63 -4.77 4.42
C GLY A 170 -8.02 -3.86 3.36
N TYR A 171 -8.34 -4.13 2.10
CA TYR A 171 -7.84 -3.40 0.93
C TYR A 171 -9.01 -3.11 0.02
N LEU A 172 -9.36 -1.84 -0.17
CA LEU A 172 -10.61 -1.46 -0.83
C LEU A 172 -10.36 -0.52 -1.99
N PHE A 173 -10.88 -0.85 -3.15
CA PHE A 173 -10.86 0.05 -4.30
C PHE A 173 -12.16 0.82 -4.41
N PHE A 174 -12.08 2.15 -4.55
CA PHE A 174 -13.22 2.97 -4.93
C PHE A 174 -13.16 3.35 -6.40
N GLU A 175 -14.27 3.15 -7.12
CA GLU A 175 -14.42 3.69 -8.47
C GLU A 175 -14.75 5.17 -8.28
N VAL A 176 -13.71 6.01 -8.25
CA VAL A 176 -13.89 7.42 -7.91
C VAL A 176 -14.58 8.21 -8.98
N ASN A 177 -14.79 7.65 -10.18
CA ASN A 177 -15.67 8.28 -11.14
C ASN A 177 -17.05 8.49 -10.52
N ASP A 178 -17.43 7.56 -9.60
CA ASP A 178 -18.77 7.53 -9.11
C ASP A 178 -18.92 7.71 -7.60
N VAL A 179 -17.95 7.28 -6.80
CA VAL A 179 -18.12 7.14 -5.35
C VAL A 179 -17.02 7.90 -4.63
N ASN A 180 -17.47 8.69 -3.65
CA ASN A 180 -16.58 9.46 -2.77
C ASN A 180 -15.81 8.52 -1.83
N PRO A 181 -14.48 8.56 -1.80
CA PRO A 181 -13.72 7.66 -0.91
C PRO A 181 -13.94 7.95 0.55
N LEU A 182 -14.55 9.06 0.92
CA LEU A 182 -14.92 9.24 2.33
C LEU A 182 -15.87 8.17 2.80
N ASN A 183 -16.54 7.46 1.88
CA ASN A 183 -17.37 6.29 2.24
C ASN A 183 -16.57 5.20 2.93
N THR A 184 -15.24 5.25 2.94
CA THR A 184 -14.47 4.38 3.82
C THR A 184 -15.02 4.43 5.24
N LEU A 185 -15.44 5.61 5.69
CA LEU A 185 -15.88 5.83 7.06
C LEU A 185 -17.23 5.20 7.36
N SER A 186 -17.95 4.69 6.34
CA SER A 186 -19.17 3.94 6.57
C SER A 186 -18.92 2.57 7.16
N PHE A 187 -17.68 2.09 7.15
CA PHE A 187 -17.33 0.72 7.49
C PHE A 187 -16.54 0.63 8.80
N GLN A 188 -17.22 0.32 9.87
CA GLN A 188 -16.58 0.16 11.17
C GLN A 188 -17.02 -1.15 11.77
N LEU A 189 -16.16 -1.71 12.64
CA LEU A 189 -16.62 -2.79 13.48
C LEU A 189 -17.51 -2.26 14.59
N GLU A 190 -18.23 -3.16 15.27
CA GLU A 190 -19.03 -2.70 16.41
C GLU A 190 -18.20 -2.06 17.50
N ASN A 191 -16.90 -2.36 17.56
CA ASN A 191 -16.03 -1.78 18.57
C ASN A 191 -15.40 -0.48 18.10
N GLY A 192 -15.83 0.05 16.95
CA GLY A 192 -15.44 1.31 16.42
C GLY A 192 -14.26 1.33 15.49
N LYS A 193 -13.49 0.27 15.37
CA LYS A 193 -12.35 0.27 14.44
C LYS A 193 -12.81 0.36 13.01
N LEU A 194 -12.04 1.06 12.18
CA LEU A 194 -12.34 1.11 10.74
C LEU A 194 -11.89 -0.20 10.10
N LEU A 195 -12.72 -0.75 9.25
CA LEU A 195 -12.46 -2.03 8.60
C LEU A 195 -11.32 -1.95 7.59
N TRP A 196 -11.29 -0.92 6.76
CA TRP A 196 -10.45 -0.91 5.55
C TRP A 196 -9.15 -0.16 5.81
N ASP A 197 -8.08 -0.92 6.06
CA ASP A 197 -6.76 -0.39 6.38
C ASP A 197 -6.17 0.40 5.21
N VAL A 198 -6.44 -0.05 3.98
CA VAL A 198 -5.88 0.53 2.75
C VAL A 198 -6.99 0.74 1.74
N VAL A 199 -7.03 1.92 1.13
CA VAL A 199 -8.00 2.23 0.08
C VAL A 199 -7.29 2.75 -1.15
N VAL A 200 -7.84 2.46 -2.31
CA VAL A 200 -7.29 2.84 -3.60
C VAL A 200 -8.24 3.77 -4.32
N LEU A 201 -7.71 4.87 -4.85
CA LEU A 201 -8.43 5.77 -5.74
C LEU A 201 -8.32 5.22 -7.16
N PHE A 202 -9.36 4.51 -7.60
CA PHE A 202 -9.30 3.77 -8.88
C PHE A 202 -10.04 4.61 -9.91
N ALA A 203 -9.34 5.19 -10.89
CA ALA A 203 -7.87 5.13 -11.09
C ALA A 203 -7.40 6.28 -11.92
N ALA A 204 -6.20 6.78 -11.60
CA ALA A 204 -5.42 7.55 -12.55
C ALA A 204 -4.94 6.60 -13.63
N ASN A 205 -4.48 7.17 -14.74
CA ASN A 205 -4.07 6.38 -15.89
C ASN A 205 -2.63 6.60 -16.28
N ILE A 206 -2.05 5.61 -16.96
CA ILE A 206 -0.85 5.83 -17.77
C ILE A 206 -1.31 6.09 -19.20
N ASN A 207 -0.80 7.17 -19.81
CA ASN A 207 -1.11 7.51 -21.19
C ASN A 207 0.13 8.13 -21.80
N TYR A 208 0.18 8.15 -23.14
CA TYR A 208 1.33 8.78 -23.80
C TYR A 208 1.05 10.28 -23.85
N ASP A 209 2.05 11.09 -23.51
CA ASP A 209 1.95 12.56 -23.65
C ASP A 209 2.71 12.83 -24.94
N ALA A 210 1.95 13.02 -26.00
CA ALA A 210 2.59 13.20 -27.31
C ALA A 210 3.40 14.49 -27.39
N GLU A 211 2.94 15.52 -26.68
CA GLU A 211 3.60 16.81 -26.76
CA GLU A 211 3.58 16.83 -26.71
C GLU A 211 4.93 16.81 -26.01
N ALA A 212 5.08 15.97 -25.00
CA ALA A 212 6.31 15.80 -24.21
C ALA A 212 7.12 14.60 -24.65
N GLY A 213 6.58 13.76 -25.54
CA GLY A 213 7.25 12.55 -26.00
C GLY A 213 7.50 11.48 -24.97
N ARG A 214 6.64 11.34 -23.99
CA ARG A 214 6.87 10.35 -22.95
C ARG A 214 5.56 9.90 -22.33
N PRO A 215 5.55 8.76 -21.64
CA PRO A 215 4.39 8.42 -20.82
C PRO A 215 4.19 9.42 -19.70
N ARG A 216 2.95 9.54 -19.22
CA ARG A 216 2.67 10.36 -18.05
C ARG A 216 1.54 9.73 -17.26
N VAL A 217 1.45 10.15 -16.00
CA VAL A 217 0.22 9.96 -15.22
C VAL A 217 -0.79 10.94 -15.79
N GLN A 218 -1.94 10.42 -16.18
CA GLN A 218 -3.02 11.22 -16.73
C GLN A 218 -4.22 11.00 -15.83
N CYS A 219 -4.76 12.08 -15.29
CA CYS A 219 -5.85 12.03 -14.32
C CYS A 219 -7.10 12.56 -15.00
N ASN A 220 -8.14 11.74 -15.02
CA ASN A 220 -9.44 12.17 -15.52
C ASN A 220 -10.02 13.22 -14.59
N PRO A 221 -11.09 13.89 -14.99
CA PRO A 221 -11.56 15.01 -14.15
C PRO A 221 -11.99 14.62 -12.76
N ASN A 222 -12.46 13.40 -12.55
CA ASN A 222 -12.84 12.97 -11.21
C ASN A 222 -11.64 12.71 -10.33
N VAL A 223 -10.62 12.03 -10.86
CA VAL A 223 -9.38 11.84 -10.13
C VAL A 223 -8.75 13.19 -9.81
N GLN A 224 -8.67 14.06 -10.81
CA GLN A 224 -8.03 15.35 -10.61
C GLN A 224 -8.76 16.16 -9.56
N TYR A 225 -10.10 16.09 -9.53
CA TYR A 225 -10.86 16.83 -8.53
C TYR A 225 -10.50 16.35 -7.13
N LEU A 226 -10.37 15.02 -6.91
CA LEU A 226 -9.99 14.54 -5.59
C LEU A 226 -8.61 15.03 -5.19
N LEU A 227 -7.63 14.96 -6.11
CA LEU A 227 -6.28 15.43 -5.77
C LEU A 227 -6.30 16.90 -5.46
N ASP A 228 -6.99 17.67 -6.29
CA ASP A 228 -7.09 19.10 -6.08
C ASP A 228 -7.70 19.41 -4.72
N ASN A 229 -8.64 18.57 -4.27
CA ASN A 229 -9.37 18.72 -3.00
C ASN A 229 -8.95 17.73 -1.96
N ASN A 230 -7.66 17.35 -1.93
N ASN A 230 -7.66 17.43 -1.93
CA ASN A 230 -7.26 16.22 -1.09
CA ASN A 230 -7.15 16.32 -1.14
C ASN A 230 -7.40 16.55 0.39
C ASN A 230 -7.32 16.55 0.35
N GLU A 231 -7.21 17.80 0.81
CA GLU A 231 -7.34 18.10 2.22
C GLU A 231 -8.75 17.81 2.72
N THR A 232 -9.78 18.06 1.93
CA THR A 232 -11.13 17.79 2.43
C THR A 232 -11.67 16.44 2.08
N LEU A 233 -11.19 15.79 1.02
CA LEU A 233 -11.76 14.54 0.55
C LEU A 233 -10.87 13.31 0.74
N LEU A 234 -9.58 13.46 1.07
CA LEU A 234 -8.68 12.32 1.23
C LEU A 234 -7.98 12.34 2.58
N GLN A 235 -7.46 13.47 3.00
CA GLN A 235 -6.72 13.55 4.25
C GLN A 235 -7.55 13.19 5.47
N PRO A 236 -8.89 13.39 5.52
CA PRO A 236 -9.64 12.93 6.71
C PRO A 236 -9.49 11.45 6.94
N LEU A 237 -9.30 10.67 5.89
CA LEU A 237 -9.05 9.25 6.04
C LEU A 237 -7.67 8.97 6.62
N ARG A 238 -6.67 9.71 6.13
CA ARG A 238 -5.29 9.50 6.59
C ARG A 238 -5.13 9.88 8.04
N ARG A 239 -5.83 10.90 8.51
CA ARG A 239 -5.79 11.30 9.92
C ARG A 239 -6.24 10.16 10.83
N ARG A 240 -7.12 9.29 10.33
CA ARG A 240 -7.64 8.16 11.10
C ARG A 240 -6.85 6.89 10.85
N GLY A 241 -5.74 6.98 10.13
CA GLY A 241 -4.85 5.84 9.99
C GLY A 241 -5.06 5.03 8.74
N VAL A 242 -6.01 5.40 7.88
CA VAL A 242 -6.23 4.68 6.63
C VAL A 242 -5.12 5.09 5.65
N LYS A 243 -4.58 4.12 4.92
N LYS A 243 -4.53 4.12 4.97
CA LYS A 243 -3.60 4.43 3.89
CA LYS A 243 -3.61 4.42 3.89
C LYS A 243 -4.31 4.60 2.56
C LYS A 243 -4.43 4.69 2.63
N VAL A 244 -4.09 5.76 1.91
CA VAL A 244 -4.76 6.14 0.68
C VAL A 244 -3.76 6.01 -0.46
N LEU A 245 -4.04 5.11 -1.39
CA LEU A 245 -3.16 4.84 -2.52
C LEU A 245 -3.76 5.43 -3.78
N LEU A 246 -2.90 5.89 -4.68
CA LEU A 246 -3.32 6.26 -6.02
C LEU A 246 -3.35 5.00 -6.89
N GLY A 247 -4.49 4.69 -7.49
CA GLY A 247 -4.53 3.61 -8.46
C GLY A 247 -4.03 4.12 -9.81
N LEU A 248 -3.25 3.27 -10.48
CA LEU A 248 -2.82 3.47 -11.87
C LEU A 248 -3.34 2.32 -12.71
N LEU A 249 -3.81 2.68 -13.90
CA LEU A 249 -4.48 1.74 -14.78
C LEU A 249 -4.14 2.12 -16.22
N GLY A 250 -3.93 1.11 -17.07
CA GLY A 250 -3.75 1.35 -18.50
C GLY A 250 -4.98 2.00 -19.09
N ASN A 251 -4.82 2.58 -20.28
CA ASN A 251 -5.87 3.46 -20.79
C ASN A 251 -5.83 3.66 -22.30
N HIS A 252 -5.72 2.56 -23.06
CA HIS A 252 -6.07 2.50 -24.48
C HIS A 252 -5.13 3.33 -25.35
N ASP A 253 -3.83 3.27 -25.06
CA ASP A 253 -2.83 3.78 -26.02
C ASP A 253 -1.58 2.90 -25.90
N ILE A 254 -0.49 3.34 -26.54
CA ILE A 254 0.74 2.57 -26.63
C ILE A 254 1.45 2.38 -25.31
N THR A 255 1.07 3.11 -24.26
CA THR A 255 1.72 2.97 -22.96
C THR A 255 1.00 1.95 -22.08
N GLY A 256 1.76 1.34 -21.17
CA GLY A 256 1.19 0.41 -20.22
C GLY A 256 2.18 0.12 -19.12
N LEU A 257 1.64 -0.36 -18.00
CA LEU A 257 2.43 -0.57 -16.78
C LEU A 257 3.35 -1.76 -16.87
N ALA A 258 3.17 -2.66 -17.84
CA ALA A 258 4.03 -3.82 -18.04
C ALA A 258 4.77 -3.72 -19.37
N GLN A 259 4.90 -2.51 -19.96
CA GLN A 259 5.57 -2.40 -21.24
C GLN A 259 6.42 -1.15 -21.34
N LEU A 260 6.97 -0.68 -20.23
CA LEU A 260 7.94 0.41 -20.23
C LEU A 260 9.34 -0.17 -20.30
N SER A 261 10.21 0.51 -21.09
CA SER A 261 11.61 0.17 -21.09
C SER A 261 12.21 0.45 -19.72
N GLU A 262 13.47 0.07 -19.52
CA GLU A 262 14.07 0.33 -18.23
C GLU A 262 14.04 1.83 -17.89
N GLN A 263 14.48 2.69 -18.82
CA GLN A 263 14.46 4.13 -18.57
C GLN A 263 13.03 4.65 -18.46
N GLY A 264 12.12 4.16 -19.33
CA GLY A 264 10.75 4.60 -19.24
C GLY A 264 10.14 4.27 -17.88
N ALA A 265 10.47 3.09 -17.34
CA ALA A 265 9.97 2.68 -16.03
C ALA A 265 10.59 3.49 -14.92
N LYS A 266 11.88 3.78 -15.00
CA LYS A 266 12.48 4.63 -14.00
C LYS A 266 11.77 5.99 -13.96
N ASP A 267 11.56 6.60 -15.12
CA ASP A 267 10.95 7.93 -15.12
C ASP A 267 9.51 7.88 -14.64
N PHE A 268 8.74 6.88 -15.10
CA PHE A 268 7.35 6.83 -14.69
C PHE A 268 7.24 6.54 -13.20
N ALA A 269 8.12 5.67 -12.68
CA ALA A 269 8.14 5.41 -11.24
C ALA A 269 8.39 6.69 -10.47
N ARG A 270 9.32 7.51 -10.95
CA ARG A 270 9.67 8.76 -10.28
C ARG A 270 8.52 9.76 -10.36
N GLU A 271 7.75 9.74 -11.46
CA GLU A 271 6.55 10.59 -11.55
C GLU A 271 5.47 10.13 -10.57
N VAL A 272 5.25 8.81 -10.47
CA VAL A 272 4.30 8.31 -9.50
C VAL A 272 4.70 8.71 -8.09
N ALA A 273 5.98 8.56 -7.72
CA ALA A 273 6.42 8.95 -6.41
C ALA A 273 6.18 10.43 -6.20
N GLN A 274 6.41 11.26 -7.23
CA GLN A 274 6.19 12.70 -7.09
C GLN A 274 4.73 12.99 -6.81
N TYR A 275 3.82 12.29 -7.48
CA TYR A 275 2.39 12.46 -7.17
C TYR A 275 2.11 12.11 -5.71
N CYS A 276 2.69 11.01 -5.22
CA CYS A 276 2.40 10.57 -3.86
C CYS A 276 2.97 11.54 -2.85
N LYS A 277 4.08 12.17 -3.16
CA LYS A 277 4.64 13.19 -2.29
C LYS A 277 3.80 14.47 -2.34
N ALA A 278 3.50 14.96 -3.52
CA ALA A 278 2.81 16.26 -3.66
C ALA A 278 1.44 16.23 -3.05
N TYR A 279 0.74 15.12 -3.17
CA TYR A 279 -0.63 15.02 -2.68
C TYR A 279 -0.72 14.29 -1.34
N ASN A 280 0.42 13.99 -0.73
N ASN A 280 0.42 13.94 -0.76
CA ASN A 280 0.48 13.38 0.61
CA ASN A 280 0.48 13.38 0.60
C ASN A 280 -0.37 12.11 0.64
C ASN A 280 -0.27 12.06 0.71
N LEU A 281 0.00 11.16 -0.22
CA LEU A 281 -0.63 9.86 -0.33
C LEU A 281 0.31 8.78 0.20
N ASP A 282 -0.14 7.53 0.26
CA ASP A 282 0.59 6.48 0.94
C ASP A 282 1.16 5.42 0.02
N GLY A 283 1.03 5.57 -1.30
CA GLY A 283 1.59 4.65 -2.27
C GLY A 283 0.66 4.48 -3.43
N VAL A 284 0.83 3.35 -4.10
CA VAL A 284 0.23 3.10 -5.42
C VAL A 284 -0.30 1.69 -5.54
N ASN A 285 -1.30 1.50 -6.38
CA ASN A 285 -1.67 0.20 -6.94
C ASN A 285 -1.48 0.26 -8.45
N TYR A 286 -0.84 -0.77 -9.01
CA TYR A 286 -0.71 -0.92 -10.47
C TYR A 286 -1.62 -2.03 -10.96
N ALA A 287 -2.43 -1.69 -11.96
CA ALA A 287 -3.36 -2.59 -12.62
C ALA A 287 -3.12 -2.55 -14.13
N ASP A 288 -2.55 -3.61 -14.65
CA ASP A 288 -2.17 -3.72 -16.05
C ASP A 288 -3.35 -4.21 -16.89
N LEU A 289 -4.24 -3.27 -17.22
CA LEU A 289 -5.39 -3.51 -18.09
C LEU A 289 -5.52 -2.34 -19.06
N TYR A 290 -6.03 -2.65 -20.24
CA TYR A 290 -6.63 -1.69 -21.18
C TYR A 290 -5.56 -1.01 -22.05
N SER A 291 -4.28 -1.39 -21.92
CA SER A 291 -3.27 -0.81 -22.80
C SER A 291 -3.35 -1.51 -24.16
N ASN A 292 -2.91 -0.78 -25.19
CA ASN A 292 -2.77 -1.32 -26.52
C ASN A 292 -1.34 -1.79 -26.74
N SER A 293 -1.03 -2.29 -27.91
CA SER A 293 0.30 -2.81 -28.16
C SER A 293 1.29 -1.65 -28.17
N PRO A 294 2.48 -1.83 -27.64
CA PRO A 294 3.43 -0.73 -27.62
C PRO A 294 4.04 -0.47 -28.99
N ASP A 295 4.52 0.77 -29.18
CA ASP A 295 5.41 1.11 -30.29
C ASP A 295 6.82 0.77 -29.89
N LEU A 296 7.33 -0.35 -30.41
CA LEU A 296 8.65 -0.85 -30.01
C LEU A 296 9.78 0.04 -30.46
N SER A 297 9.54 0.98 -31.37
CA SER A 297 10.52 1.98 -31.78
C SER A 297 10.65 3.13 -30.78
N ASN A 298 9.73 3.23 -29.81
CA ASN A 298 9.74 4.29 -28.82
C ASN A 298 10.68 3.98 -27.66
N PRO A 299 11.63 4.85 -27.33
CA PRO A 299 12.60 4.52 -26.26
C PRO A 299 12.00 4.36 -24.90
N SER A 300 10.78 4.83 -24.69
N SER A 300 10.77 4.80 -24.66
CA SER A 300 10.15 4.67 -23.38
CA SER A 300 10.15 4.65 -23.35
C SER A 300 9.47 3.31 -23.19
C SER A 300 9.40 3.33 -23.20
N LEU A 301 9.31 2.53 -24.26
CA LEU A 301 8.51 1.31 -24.28
C LEU A 301 9.33 0.10 -24.65
N THR A 302 8.75 -1.07 -24.41
CA THR A 302 9.34 -2.37 -24.72
C THR A 302 8.24 -3.40 -24.88
N ASN A 303 8.63 -4.64 -25.22
CA ASN A 303 7.66 -5.73 -25.33
C ASN A 303 6.95 -5.93 -23.97
N PRO A 304 5.64 -6.09 -23.94
CA PRO A 304 4.97 -6.31 -22.64
C PRO A 304 5.49 -7.58 -21.96
N SER A 305 5.81 -7.49 -20.68
CA SER A 305 6.30 -8.68 -19.96
C SER A 305 6.21 -8.45 -18.46
N THR A 306 6.16 -9.55 -17.72
CA THR A 306 6.29 -9.48 -16.27
C THR A 306 7.64 -8.90 -15.84
N ALA A 307 8.69 -9.05 -16.64
CA ALA A 307 9.96 -8.45 -16.26
C ALA A 307 9.89 -6.93 -16.34
N ALA A 308 9.20 -6.39 -17.33
CA ALA A 308 9.07 -4.94 -17.42
C ALA A 308 8.20 -4.41 -16.30
N ALA A 309 7.15 -5.13 -15.95
CA ALA A 309 6.31 -4.76 -14.82
C ALA A 309 7.10 -4.76 -13.52
N ALA A 310 7.90 -5.80 -13.30
CA ALA A 310 8.70 -5.86 -12.08
C ALA A 310 9.68 -4.71 -12.02
N ARG A 311 10.31 -4.38 -13.15
CA ARG A 311 11.19 -3.20 -13.17
C ARG A 311 10.46 -1.95 -12.68
N LEU A 312 9.25 -1.73 -13.15
CA LEU A 312 8.49 -0.57 -12.70
C LEU A 312 8.21 -0.64 -11.21
N CYS A 313 7.83 -1.80 -10.69
CA CYS A 313 7.56 -1.90 -9.26
C CYS A 313 8.81 -1.61 -8.44
N TYR A 314 9.93 -2.20 -8.83
CA TYR A 314 11.19 -2.02 -8.14
C TYR A 314 11.59 -0.56 -8.14
N GLU A 315 11.54 0.10 -9.31
CA GLU A 315 11.93 1.50 -9.38
C GLU A 315 10.97 2.38 -8.59
N THR A 316 9.70 2.02 -8.53
CA THR A 316 8.77 2.81 -7.75
C THR A 316 9.11 2.70 -6.26
N LYS A 317 9.42 1.50 -5.77
CA LYS A 317 9.80 1.38 -4.36
C LYS A 317 11.07 2.15 -4.09
N GLN A 318 12.05 2.10 -4.99
CA GLN A 318 13.28 2.85 -4.77
C GLN A 318 13.01 4.34 -4.61
N ALA A 319 12.01 4.87 -5.31
CA ALA A 319 11.70 6.30 -5.30
C ALA A 319 10.81 6.67 -4.13
N MET A 320 10.09 5.73 -3.54
CA MET A 320 9.24 5.99 -2.36
C MET A 320 9.34 4.79 -1.42
N PRO A 321 10.51 4.60 -0.79
CA PRO A 321 10.73 3.37 -0.02
C PRO A 321 9.89 3.28 1.22
N ASP A 322 9.39 4.38 1.77
N ASP A 322 9.37 4.44 1.66
CA ASP A 322 8.51 4.27 2.94
CA ASP A 322 8.51 4.65 2.81
C ASP A 322 7.03 4.08 2.57
C ASP A 322 7.04 4.38 2.54
N LYS A 323 6.68 4.09 1.29
CA LYS A 323 5.29 4.00 0.86
C LYS A 323 4.99 2.64 0.24
N LEU A 324 3.71 2.33 0.10
CA LEU A 324 3.30 1.03 -0.38
C LEU A 324 3.37 0.93 -1.89
N VAL A 325 3.96 -0.15 -2.40
CA VAL A 325 3.92 -0.53 -3.81
C VAL A 325 3.11 -1.80 -3.90
N THR A 326 1.98 -1.72 -4.56
CA THR A 326 1.03 -2.81 -4.56
C THR A 326 0.58 -3.07 -5.99
N VAL A 327 0.14 -4.30 -6.25
CA VAL A 327 -0.24 -4.72 -7.60
C VAL A 327 -1.54 -5.52 -7.57
N PHE A 328 -2.33 -5.36 -8.61
CA PHE A 328 -3.39 -6.32 -9.00
C PHE A 328 -2.77 -7.41 -9.84
N ASP A 329 -2.96 -8.66 -9.46
CA ASP A 329 -2.42 -9.78 -10.23
C ASP A 329 -3.27 -10.11 -11.44
N TRP A 330 -3.04 -9.42 -12.55
CA TRP A 330 -3.81 -9.57 -13.78
C TRP A 330 -2.88 -9.07 -14.90
N GLY A 331 -3.09 -9.55 -16.12
CA GLY A 331 -2.22 -9.12 -17.22
C GLY A 331 -0.81 -9.56 -16.94
N GLN A 332 0.15 -8.71 -17.26
N GLN A 332 0.14 -8.67 -17.20
CA GLN A 332 1.56 -8.98 -17.02
CA GLN A 332 1.55 -8.95 -17.05
C GLN A 332 2.12 -8.16 -15.87
C GLN A 332 2.14 -8.28 -15.82
N MET A 333 1.32 -7.89 -14.84
CA MET A 333 1.77 -7.02 -13.78
C MET A 333 2.61 -7.71 -12.70
N TYR A 334 2.52 -9.04 -12.56
CA TYR A 334 3.08 -9.74 -11.42
C TYR A 334 3.63 -11.08 -11.82
N GLY A 335 4.77 -11.44 -11.25
CA GLY A 335 5.31 -12.77 -11.43
C GLY A 335 6.82 -12.89 -11.41
N VAL A 336 7.54 -11.86 -11.73
CA VAL A 336 9.01 -11.88 -11.67
C VAL A 336 9.45 -11.46 -10.28
N ALA A 337 10.33 -12.24 -9.69
CA ALA A 337 10.57 -12.16 -8.26
C ALA A 337 11.88 -11.48 -7.91
N THR A 338 12.65 -11.05 -8.89
CA THR A 338 13.95 -10.42 -8.64
C THR A 338 14.18 -9.34 -9.69
N VAL A 339 14.67 -8.19 -9.26
CA VAL A 339 15.13 -7.12 -10.15
C VAL A 339 16.46 -6.65 -9.62
N ASP A 340 17.47 -6.66 -10.47
CA ASP A 340 18.80 -6.20 -10.06
C ASP A 340 19.26 -6.89 -8.76
N GLY A 341 18.96 -8.19 -8.66
CA GLY A 341 19.33 -8.99 -7.53
C GLY A 341 18.54 -8.74 -6.27
N VAL A 342 17.48 -7.95 -6.33
CA VAL A 342 16.71 -7.60 -5.14
C VAL A 342 15.40 -8.34 -5.19
N ASP A 343 15.11 -9.08 -4.12
CA ASP A 343 13.91 -9.89 -4.04
C ASP A 343 12.65 -9.09 -3.90
N ALA A 344 11.58 -9.64 -4.49
CA ALA A 344 10.29 -9.00 -4.51
C ALA A 344 9.71 -8.62 -3.15
N LYS A 345 10.08 -9.32 -2.06
CA LYS A 345 9.57 -8.89 -0.75
C LYS A 345 9.93 -7.43 -0.45
N GLU A 346 11.02 -6.94 -1.05
CA GLU A 346 11.49 -5.58 -0.80
C GLU A 346 10.70 -4.56 -1.60
N TRP A 347 9.91 -4.96 -2.62
CA TRP A 347 9.26 -3.99 -3.50
C TRP A 347 7.82 -4.32 -3.89
N ILE A 348 7.24 -5.44 -3.45
N ILE A 348 7.22 -5.39 -3.37
CA ILE A 348 5.80 -5.69 -3.52
CA ILE A 348 5.80 -5.68 -3.53
C ILE A 348 5.31 -5.81 -2.08
C ILE A 348 5.19 -5.85 -2.13
N ASP A 349 4.61 -4.79 -1.59
CA ASP A 349 4.09 -4.82 -0.25
C ASP A 349 2.81 -5.62 -0.15
N ILE A 350 1.94 -5.51 -1.14
CA ILE A 350 0.64 -6.19 -1.15
C ILE A 350 0.35 -6.59 -2.58
N VAL A 351 -0.13 -7.81 -2.78
CA VAL A 351 -0.64 -8.27 -4.08
C VAL A 351 -2.07 -8.74 -3.85
N VAL A 352 -2.99 -8.27 -4.69
CA VAL A 352 -4.40 -8.64 -4.64
C VAL A 352 -4.77 -9.33 -5.95
N ALA A 353 -5.64 -10.33 -5.85
CA ALA A 353 -5.93 -11.16 -7.00
C ALA A 353 -7.30 -10.83 -7.55
N ASN A 354 -7.60 -11.38 -8.72
CA ASN A 354 -8.91 -11.20 -9.35
C ASN A 354 -10.01 -11.80 -8.47
N TYR A 355 -11.22 -11.27 -8.67
CA TYR A 355 -12.39 -11.71 -7.92
C TYR A 355 -12.53 -13.22 -8.08
N GLY A 356 -12.69 -13.93 -6.96
CA GLY A 356 -12.83 -15.36 -6.96
C GLY A 356 -11.55 -16.14 -6.78
N SER A 357 -10.39 -15.47 -6.78
CA SER A 357 -9.10 -16.12 -6.62
C SER A 357 -8.41 -15.60 -5.36
N ALA A 358 -7.39 -16.33 -4.91
CA ALA A 358 -6.46 -15.85 -3.87
C ALA A 358 -5.13 -15.50 -4.52
N ALA A 359 -4.46 -14.45 -4.04
CA ALA A 359 -3.13 -14.11 -4.52
C ALA A 359 -2.10 -15.11 -3.99
N TYR A 360 -0.92 -15.15 -4.64
CA TYR A 360 0.12 -16.06 -4.23
C TYR A 360 1.41 -15.26 -4.11
N PRO A 361 2.30 -15.67 -3.21
CA PRO A 361 3.60 -14.99 -3.03
C PRO A 361 4.66 -15.46 -4.01
N ILE A 362 5.62 -14.58 -4.29
CA ILE A 362 6.82 -14.94 -5.03
C ILE A 362 8.06 -14.53 -4.25
N GLY A 363 9.21 -15.06 -4.64
CA GLY A 363 10.42 -14.71 -3.92
C GLY A 363 10.33 -15.08 -2.47
N GLN A 364 10.73 -14.17 -1.59
N GLN A 364 10.76 -14.16 -1.59
CA GLN A 364 10.66 -14.41 -0.16
CA GLN A 364 10.71 -14.36 -0.15
C GLN A 364 9.39 -13.86 0.45
C GLN A 364 9.35 -13.98 0.43
N MET A 365 8.42 -13.47 -0.39
CA MET A 365 7.14 -13.07 0.17
C MET A 365 6.45 -14.30 0.74
N THR A 366 5.50 -14.04 1.63
CA THR A 366 4.59 -15.05 2.18
C THR A 366 3.17 -14.66 1.86
N LYS A 367 2.22 -15.51 2.24
N LYS A 367 2.22 -15.51 2.25
CA LYS A 367 0.82 -15.18 2.08
CA LYS A 367 0.81 -15.19 2.09
C LYS A 367 0.40 -13.98 2.94
C LYS A 367 0.39 -14.00 2.94
N LYS A 368 1.21 -13.56 3.90
CA LYS A 368 0.90 -12.32 4.61
C LYS A 368 0.84 -11.12 3.70
N GLN A 369 1.52 -11.14 2.55
CA GLN A 369 1.46 -10.05 1.57
C GLN A 369 0.36 -10.24 0.56
N CYS A 370 -0.50 -11.24 0.74
CA CYS A 370 -1.47 -11.65 -0.27
C CYS A 370 -2.91 -11.58 0.20
N SER A 371 -3.80 -11.25 -0.74
CA SER A 371 -5.23 -11.38 -0.51
C SER A 371 -5.70 -12.83 -0.54
N GLY A 372 -6.60 -13.17 0.37
CA GLY A 372 -7.25 -14.48 0.38
C GLY A 372 -8.65 -14.50 -0.21
N ILE A 373 -9.20 -13.31 -0.47
CA ILE A 373 -10.52 -13.14 -1.09
C ILE A 373 -10.47 -11.79 -1.78
N SER A 374 -11.15 -11.70 -2.90
CA SER A 374 -11.41 -10.46 -3.64
C SER A 374 -12.88 -10.41 -3.98
N MET A 375 -13.54 -9.37 -3.47
CA MET A 375 -14.99 -9.24 -3.60
C MET A 375 -15.32 -8.10 -4.54
N GLU A 376 -16.05 -8.41 -5.62
N GLU A 376 -16.06 -8.41 -5.61
CA GLU A 376 -16.54 -7.40 -6.56
CA GLU A 376 -16.52 -7.39 -6.58
C GLU A 376 -17.87 -6.91 -6.00
C GLU A 376 -17.85 -6.90 -6.02
N PHE A 377 -17.84 -5.75 -5.33
CA PHE A 377 -19.04 -5.30 -4.63
C PHE A 377 -20.09 -4.70 -5.55
N ASN A 378 -19.73 -4.30 -6.77
CA ASN A 378 -20.72 -3.78 -7.71
C ASN A 378 -21.40 -4.90 -8.50
N LEU A 379 -20.62 -5.90 -8.95
CA LEU A 379 -21.17 -6.99 -9.73
C LEU A 379 -21.51 -8.24 -8.96
N GLY A 380 -20.97 -8.45 -7.81
CA GLY A 380 -21.45 -9.46 -6.91
C GLY A 380 -20.54 -10.63 -6.73
N GLY A 381 -19.61 -10.83 -7.61
CA GLY A 381 -18.76 -12.02 -7.56
C GLY A 381 -17.66 -11.97 -6.50
N GLY A 382 -17.07 -13.14 -6.22
CA GLY A 382 -15.92 -13.27 -5.38
C GLY A 382 -16.19 -13.78 -3.99
N GLY A 383 -17.45 -13.96 -3.62
CA GLY A 383 -17.81 -14.57 -2.34
C GLY A 383 -18.00 -13.57 -1.24
N SER A 384 -18.11 -14.08 -0.02
N SER A 384 -18.08 -14.07 -0.01
CA SER A 384 -18.38 -13.26 1.15
CA SER A 384 -18.40 -13.26 1.15
C SER A 384 -17.35 -13.47 2.24
C SER A 384 -17.38 -13.48 2.26
N LEU A 385 -17.18 -12.45 3.07
CA LEU A 385 -16.28 -12.50 4.21
C LEU A 385 -17.03 -13.05 5.41
N SER A 386 -17.41 -14.32 5.29
CA SER A 386 -18.15 -15.02 6.32
C SER A 386 -17.23 -15.51 7.44
N ALA A 387 -17.84 -16.00 8.53
CA ALA A 387 -17.05 -16.62 9.59
C ALA A 387 -16.20 -17.76 9.05
N SER A 388 -16.78 -18.63 8.23
N SER A 388 -16.80 -18.66 8.28
CA SER A 388 -16.06 -19.79 7.70
CA SER A 388 -16.05 -19.77 7.69
C SER A 388 -14.95 -19.38 6.73
C SER A 388 -14.89 -19.26 6.84
N LYS A 389 -15.18 -18.33 5.93
CA LYS A 389 -14.14 -17.87 5.01
C LYS A 389 -13.01 -17.17 5.76
N ALA A 390 -13.37 -16.35 6.76
CA ALA A 390 -12.37 -15.70 7.59
C ALA A 390 -11.47 -16.74 8.24
N GLN A 391 -12.05 -17.80 8.81
CA GLN A 391 -11.22 -18.81 9.45
C GLN A 391 -10.34 -19.54 8.42
N SER A 392 -10.91 -19.86 7.26
N SER A 392 -10.87 -19.83 7.24
CA SER A 392 -10.13 -20.44 6.18
CA SER A 392 -10.03 -20.50 6.24
C SER A 392 -8.90 -19.59 5.85
C SER A 392 -8.90 -19.60 5.76
N MET A 393 -9.10 -18.28 5.67
CA MET A 393 -8.00 -17.39 5.29
C MET A 393 -6.96 -17.28 6.39
N ILE A 394 -7.39 -17.20 7.65
CA ILE A 394 -6.43 -17.22 8.75
C ILE A 394 -5.62 -18.51 8.71
N ASP A 395 -6.31 -19.65 8.57
CA ASP A 395 -5.59 -20.93 8.56
C ASP A 395 -4.59 -21.00 7.41
N GLY A 396 -4.91 -20.37 6.29
CA GLY A 396 -4.00 -20.34 5.15
C GLY A 396 -2.89 -19.32 5.23
N GLY A 397 -2.91 -18.48 6.25
CA GLY A 397 -1.88 -17.48 6.45
C GLY A 397 -2.00 -16.24 5.58
N TYR A 398 -3.18 -15.96 5.03
CA TYR A 398 -3.36 -14.76 4.22
C TYR A 398 -3.39 -13.50 5.05
N GLY A 399 -2.84 -12.42 4.49
CA GLY A 399 -2.77 -11.16 5.20
C GLY A 399 -3.90 -10.19 4.90
N TRP A 400 -4.61 -10.35 3.77
CA TRP A 400 -5.50 -9.30 3.24
C TRP A 400 -6.80 -9.89 2.74
N PHE A 401 -7.84 -9.09 2.81
CA PHE A 401 -9.06 -9.28 2.03
C PHE A 401 -9.29 -8.04 1.19
N MET A 402 -9.69 -8.23 -0.05
CA MET A 402 -9.85 -7.12 -1.01
C MET A 402 -11.31 -6.98 -1.38
N GLY A 403 -11.72 -5.72 -1.55
CA GLY A 403 -13.04 -5.38 -2.05
C GLY A 403 -12.91 -4.31 -3.11
N PHE A 404 -13.85 -4.30 -4.04
CA PHE A 404 -13.86 -3.42 -5.22
C PHE A 404 -15.21 -2.81 -5.50
N ALA A 405 -15.27 -1.49 -5.61
CA ALA A 405 -16.40 -0.71 -6.12
C ALA A 405 -17.62 -0.79 -5.20
N PRO A 406 -17.50 -0.58 -3.91
CA PRO A 406 -18.71 -0.42 -3.09
C PRO A 406 -19.38 0.90 -3.44
N SER A 407 -20.70 0.97 -3.30
CA SER A 407 -21.40 2.25 -3.43
CA SER A 407 -21.42 2.23 -3.46
C SER A 407 -22.54 2.29 -2.43
N PRO A 408 -22.90 3.49 -1.92
CA PRO A 408 -23.96 3.56 -0.91
C PRO A 408 -25.27 2.92 -1.35
N ALA A 409 -25.65 3.04 -2.62
CA ALA A 409 -26.89 2.43 -3.09
C ALA A 409 -26.90 0.92 -2.96
N LYS A 410 -25.72 0.30 -2.90
CA LYS A 410 -25.62 -1.15 -2.77
C LYS A 410 -25.12 -1.55 -1.40
N TYR A 411 -25.21 -0.68 -0.39
CA TYR A 411 -24.69 -1.05 0.92
C TYR A 411 -25.43 -2.26 1.49
N GLY A 412 -26.70 -2.48 1.23
CA GLY A 412 -27.34 -3.68 1.72
C GLY A 412 -26.60 -4.93 1.28
N SER A 413 -26.28 -5.00 -0.02
CA SER A 413 -25.50 -6.12 -0.55
C SER A 413 -24.10 -6.17 0.04
N VAL A 414 -23.39 -5.05 0.03
CA VAL A 414 -22.01 -5.04 0.50
C VAL A 414 -21.94 -5.52 1.95
N PHE A 415 -22.77 -4.95 2.83
CA PHE A 415 -22.69 -5.30 4.23
C PHE A 415 -23.19 -6.71 4.50
N SER A 416 -24.16 -7.20 3.71
N SER A 416 -24.13 -7.20 3.69
CA SER A 416 -24.57 -8.59 3.83
CA SER A 416 -24.56 -8.58 3.86
C SER A 416 -23.35 -9.51 3.67
C SER A 416 -23.43 -9.56 3.56
N ARG A 417 -22.44 -9.15 2.77
CA ARG A 417 -21.29 -9.97 2.46
C ARG A 417 -20.18 -9.81 3.47
N LEU A 418 -20.36 -8.99 4.47
CA LEU A 418 -19.37 -8.77 5.54
C LEU A 418 -19.90 -9.33 6.86
N GLN A 419 -21.03 -10.00 6.89
CA GLN A 419 -21.54 -10.57 8.13
C GLN A 419 -20.67 -11.73 8.62
N GLY A 420 -20.51 -11.81 9.94
CA GLY A 420 -19.84 -12.96 10.55
C GLY A 420 -18.31 -12.94 10.55
N GLY A 421 -17.70 -12.41 9.50
CA GLY A 421 -16.26 -12.50 9.37
C GLY A 421 -15.51 -11.69 10.41
N GLY A 422 -16.03 -10.51 10.77
CA GLY A 422 -15.32 -9.65 11.68
C GLY A 422 -15.17 -10.27 13.05
N GLU A 423 -16.18 -11.01 13.51
CA GLU A 423 -16.03 -11.69 14.78
C GLU A 423 -14.84 -12.64 14.79
N VAL A 424 -14.62 -13.34 13.67
CA VAL A 424 -13.51 -14.29 13.59
C VAL A 424 -12.18 -13.54 13.48
N LEU A 425 -12.13 -12.50 12.64
CA LEU A 425 -10.87 -11.81 12.37
C LEU A 425 -10.43 -10.92 13.52
N TYR A 426 -11.36 -10.32 14.25
CA TYR A 426 -11.11 -9.21 15.17
C TYR A 426 -11.84 -9.33 16.49
N GLY A 427 -12.73 -10.30 16.67
CA GLY A 427 -13.57 -10.33 17.84
C GLY A 427 -14.66 -9.27 17.81
N SER A 428 -14.97 -8.71 16.64
CA SER A 428 -16.03 -7.68 16.56
C SER A 428 -16.57 -7.68 15.14
N ASN A 429 -17.87 -7.93 14.97
CA ASN A 429 -18.46 -7.94 13.65
C ASN A 429 -18.53 -6.53 13.07
N VAL A 430 -18.62 -6.46 11.74
CA VAL A 430 -18.88 -5.18 11.07
C VAL A 430 -20.24 -4.65 11.48
N ALA A 431 -20.29 -3.36 11.80
CA ALA A 431 -21.54 -2.72 12.20
C ALA A 431 -22.31 -2.26 10.95
N ALA A 432 -23.64 -2.20 11.10
CA ALA A 432 -24.47 -1.63 10.05
C ALA A 432 -24.11 -0.16 9.82
N PRO A 433 -24.09 0.30 8.57
CA PRO A 433 -23.73 1.69 8.29
C PRO A 433 -24.83 2.65 8.71
N THR A 434 -24.39 3.79 9.17
CA THR A 434 -25.28 4.89 9.52
C THR A 434 -25.04 6.16 8.74
N ILE A 435 -23.94 6.21 7.95
N ILE A 435 -23.92 6.30 8.03
CA ILE A 435 -23.45 7.39 7.24
CA ILE A 435 -23.75 7.46 7.16
C ILE A 435 -23.04 7.02 5.82
C ILE A 435 -23.16 7.03 5.83
N PHE A 436 -23.21 7.96 4.89
CA PHE A 436 -22.59 7.82 3.58
C PHE A 436 -22.26 9.22 3.07
N TYR A 437 -21.49 9.26 2.00
CA TYR A 437 -21.04 10.51 1.37
C TYR A 437 -21.43 10.49 -0.10
N LYS A 438 -21.82 11.64 -0.57
CA LYS A 438 -22.11 11.88 -1.98
C LYS A 438 -20.85 12.29 -2.72
N LYS A 439 -20.85 12.07 -4.03
CA LYS A 439 -19.66 12.38 -4.82
C LYS A 439 -19.26 13.86 -4.63
N ASN A 440 -17.97 14.06 -4.35
CA ASN A 440 -17.34 15.38 -4.27
C ASN A 440 -17.86 16.25 -3.14
N ASP A 441 -18.56 15.69 -2.18
CA ASP A 441 -19.24 16.44 -1.12
C ASP A 441 -18.67 15.94 0.20
N PRO A 442 -18.08 16.82 1.02
CA PRO A 442 -17.52 16.35 2.29
C PRO A 442 -18.56 16.12 3.39
N THR A 443 -19.81 16.40 3.15
CA THR A 443 -20.83 16.35 4.20
C THR A 443 -21.27 14.92 4.48
N PRO A 444 -21.25 14.46 5.73
N PRO A 444 -21.24 14.45 5.73
CA PRO A 444 -21.81 13.13 6.04
CA PRO A 444 -21.82 13.13 6.01
C PRO A 444 -23.33 13.15 5.99
C PRO A 444 -23.33 13.21 5.92
N TYR A 445 -23.92 12.27 5.20
CA TYR A 445 -25.36 12.12 5.07
C TYR A 445 -25.85 10.89 5.80
N LYS A 446 -27.15 10.92 6.16
CA LYS A 446 -27.72 9.82 6.94
C LYS A 446 -28.06 8.66 6.00
N TYR A 447 -27.54 7.46 6.35
CA TYR A 447 -27.85 6.22 5.64
C TYR A 447 -28.94 5.49 6.39
N PRO A 448 -30.03 5.04 5.74
CA PRO A 448 -30.28 5.15 4.29
C PRO A 448 -31.15 6.33 3.88
N ASP A 449 -31.59 7.11 4.85
CA ASP A 449 -32.67 8.08 4.62
C ASP A 449 -32.35 9.07 3.49
N ASP A 450 -31.09 9.52 3.40
CA ASP A 450 -30.67 10.58 2.48
C ASP A 450 -30.20 10.09 1.10
N LEU A 451 -30.30 8.81 0.81
CA LEU A 451 -29.88 8.28 -0.48
C LEU A 451 -30.59 8.84 -1.71
C1 NAG B . -11.96 -8.84 -17.57
C2 NAG B . -12.76 -7.58 -17.72
C3 NAG B . -12.10 -6.42 -16.98
C4 NAG B . -11.84 -6.85 -15.54
C5 NAG B . -10.93 -8.07 -15.56
C6 NAG B . -10.43 -8.53 -14.22
C7 NAG B . -13.86 -7.51 -19.91
C8 NAG B . -13.67 -7.21 -21.38
N2 NAG B . -12.85 -7.22 -19.14
O3 NAG B . -12.97 -5.30 -17.07
O4 NAG B . -11.20 -5.70 -14.96
O5 NAG B . -11.68 -9.11 -16.19
O6 NAG B . -11.59 -8.74 -13.37
O7 NAG B . -14.90 -8.00 -19.46
H1 NAG B . -11.01 -8.76 -18.11
H2 NAG B . -13.75 -7.75 -17.28
H3 NAG B . -11.18 -6.05 -17.42
H4 NAG B . -12.72 -7.13 -14.98
H5 NAG B . -10.01 -7.90 -16.14
H61 NAG B . -9.78 -7.79 -13.78
H62 NAG B . -9.87 -9.45 -14.31
H81 NAG B . -13.45 -8.12 -21.94
H82 NAG B . -14.57 -6.76 -21.80
H83 NAG B . -12.84 -6.52 -21.52
HN2 NAG B . -12.05 -6.72 -19.50
HO3 NAG B . -13.80 -5.58 -17.52
HO6 NAG B . -11.57 -9.68 -13.06
C1 NAG B . -11.25 -5.55 -13.57
C2 NAG B . -10.63 -4.20 -13.24
C3 NAG B . -11.54 -3.01 -13.55
C4 NAG B . -12.93 -3.48 -13.95
C5 NAG B . -13.38 -4.51 -12.93
C6 NAG B . -14.82 -4.97 -13.11
C7 NAG B . -9.00 -3.79 -11.44
C8 NAG B . -8.75 -3.91 -9.95
N2 NAG B . -10.21 -4.19 -11.85
O3 NAG B . -10.97 -2.25 -14.62
O4 NAG B . -13.80 -2.34 -13.88
O5 NAG B . -12.58 -5.70 -13.05
O6 NAG B . -15.12 -6.01 -12.23
O7 NAG B . -8.15 -3.38 -12.24
H1 NAG B . -10.65 -6.35 -13.15
H2 NAG B . -9.78 -4.09 -13.89
H3 NAG B . -11.62 -2.41 -12.65
H4 NAG B . -12.92 -3.89 -14.95
H5 NAG B . -13.26 -4.10 -11.93
H61 NAG B . -15.55 -4.18 -12.90
H62 NAG B . -15.04 -5.34 -14.11
H81 NAG B . -9.11 -3.02 -9.43
H82 NAG B . -9.25 -4.77 -9.54
H83 NAG B . -7.68 -4.01 -9.76
HN2 NAG B . -10.88 -4.50 -11.15
HO3 NAG B . -10.10 -1.90 -14.30
HO6 NAG B . -16.10 -6.04 -12.13
C1 BMA B . -14.67 -2.18 -14.98
C2 BMA B . -15.69 -1.10 -14.65
C3 BMA B . -16.61 -0.87 -15.83
C4 BMA B . -15.82 -0.64 -17.10
C5 BMA B . -14.75 -1.73 -17.29
C6 BMA B . -13.81 -1.45 -18.44
O2 BMA B . -14.96 0.12 -14.40
O3 BMA B . -17.44 0.28 -15.67
O4 BMA B . -16.66 -0.71 -18.27
O5 BMA B . -13.92 -1.80 -16.11
O6 BMA B . -13.24 -0.13 -18.22
H1 BMA B . -15.20 -3.10 -15.16
H2 BMA B . -16.23 -1.33 -13.72
H3 BMA B . -17.23 -1.76 -15.84
H4 BMA B . -15.42 0.37 -17.11
H5 BMA B . -15.23 -2.69 -17.48
H61 BMA B . -14.36 -1.51 -19.37
H62 BMA B . -13.05 -2.23 -18.47
HO2 BMA B . -14.48 0.03 -13.54
HO4 BMA B . -17.08 -1.60 -18.30
C1 MAN B . -18.71 0.03 -15.12
C2 MAN B . -19.59 1.24 -15.41
C3 MAN B . -19.02 2.46 -14.68
C4 MAN B . -18.91 2.12 -13.20
C5 MAN B . -18.08 0.87 -12.93
C6 MAN B . -18.10 0.40 -11.48
O2 MAN B . -20.91 1.05 -14.89
O3 MAN B . -19.81 3.62 -14.91
O4 MAN B . -18.25 3.16 -12.46
O5 MAN B . -18.62 -0.22 -13.72
O6 MAN B . -17.22 -0.71 -11.29
H1 MAN B . -19.15 -0.91 -15.46
H2 MAN B . -19.62 1.37 -16.49
H3 MAN B . -18.07 2.75 -15.13
H4 MAN B . -19.92 2.06 -12.80
H5 MAN B . -17.04 1.07 -13.19
H61 MAN B . -17.81 1.21 -10.83
H62 MAN B . -19.11 0.10 -11.20
HO3 MAN B . -19.23 4.41 -15.10
HO4 MAN B . -18.66 3.21 -11.56
HO6 MAN B . -17.37 -1.05 -10.38
C1 MAN B . -21.86 0.56 -15.81
C2 MAN B . -23.22 0.85 -15.21
C3 MAN B . -23.33 0.17 -13.85
C4 MAN B . -23.11 -1.32 -14.03
C5 MAN B . -21.79 -1.60 -14.76
C6 MAN B . -21.71 -3.04 -15.19
O2 MAN B . -24.22 0.28 -16.08
O3 MAN B . -24.61 0.43 -13.31
O4 MAN B . -23.06 -1.95 -12.76
O5 MAN B . -21.70 -0.83 -15.98
O6 MAN B . -20.48 -3.36 -15.85
H1 MAN B . -21.74 0.92 -16.82
H2 MAN B . -23.36 1.93 -15.10
H3 MAN B . -22.60 0.59 -13.17
H4 MAN B . -23.95 -1.79 -14.55
H5 MAN B . -20.96 -1.33 -14.13
H61 MAN B . -22.53 -3.27 -15.86
H62 MAN B . -21.83 -3.68 -14.32
HO3 MAN B . -24.49 0.90 -12.44
HO4 MAN B . -23.93 -2.39 -12.59
HO6 MAN B . -20.08 -4.15 -15.38
C1 MAN B . -24.69 1.00 -17.20
C2 MAN B . -26.10 0.48 -17.54
C3 MAN B . -26.04 -0.98 -18.02
C4 MAN B . -25.05 -1.13 -19.16
C5 MAN B . -23.70 -0.55 -18.75
C6 MAN B . -22.75 -0.54 -19.91
O2 MAN B . -26.67 1.25 -18.59
O3 MAN B . -27.32 -1.46 -18.44
O4 MAN B . -24.87 -2.51 -19.46
O5 MAN B . -23.85 0.82 -18.32
O6 MAN B . -21.42 -0.25 -19.49
H1 MAN B . -24.65 2.08 -17.04
H2 MAN B . -26.77 0.63 -16.70
H3 MAN B . -25.83 -1.62 -17.16
H4 MAN B . -25.43 -0.63 -20.05
H5 MAN B . -23.29 -1.13 -17.93
H61 MAN B . -23.06 0.19 -20.65
H62 MAN B . -22.75 -1.52 -20.40
HO2 MAN B . -27.55 1.61 -18.30
HO3 MAN B . -27.74 -0.79 -19.04
HO4 MAN B . -25.51 -2.75 -20.16
HO6 MAN B . -20.86 -0.20 -20.31
C1 MAN B . -12.29 0.27 -19.15
C2 MAN B . -11.63 1.54 -18.64
C3 MAN B . -12.67 2.64 -18.53
C4 MAN B . -13.33 2.89 -19.87
C5 MAN B . -13.89 1.57 -20.41
C6 MAN B . -14.43 1.72 -21.82
O2 MAN B . -10.61 1.92 -19.55
O3 MAN B . -11.96 3.84 -18.13
O4 MAN B . -14.38 3.84 -19.82
O5 MAN B . -12.88 0.54 -20.42
O6 MAN B . -13.37 2.20 -22.65
H1 MAN B . -11.57 -0.51 -19.38
H2 MAN B . -11.17 1.35 -17.67
H3 MAN B . -13.42 2.37 -17.79
H4 MAN B . -12.63 3.37 -20.54
H5 MAN B . -14.69 1.22 -19.77
H61 MAN B . -14.80 0.75 -22.15
H62 MAN B . -15.28 2.39 -21.79
HO2 MAN B . -9.73 1.74 -19.12
HO4 MAN B . -15.17 3.48 -19.34
C1 MAN B . -12.62 4.74 -17.28
C2 MAN B . -11.93 6.09 -17.37
C3 MAN B . -10.54 5.97 -16.75
C4 MAN B . -10.61 5.41 -15.33
C5 MAN B . -11.41 4.12 -15.29
C6 MAN B . -11.73 3.66 -13.87
O2 MAN B . -12.76 7.07 -16.71
O3 MAN B . -9.94 7.25 -16.69
O4 MAN B . -9.29 5.08 -14.88
O5 MAN B . -12.69 4.31 -15.93
O6 MAN B . -12.53 2.47 -13.91
H1 MAN B . -13.68 4.78 -17.51
H2 MAN B . -11.80 6.43 -18.40
H3 MAN B . -9.97 5.29 -17.38
H4 MAN B . -10.99 6.17 -14.65
H5 MAN B . -10.86 3.32 -15.79
H61 MAN B . -10.84 3.41 -13.29
H62 MAN B . -12.28 4.39 -13.29
HO3 MAN B . -9.05 7.18 -17.12
HO4 MAN B . -9.02 5.76 -14.21
HO6 MAN B . -12.59 2.12 -12.98
C1 MAN B . -12.85 8.30 -17.41
C2 MAN B . -13.75 9.24 -16.63
C3 MAN B . -15.20 8.78 -16.69
C4 MAN B . -15.62 8.60 -18.14
C5 MAN B . -14.68 7.61 -18.79
C6 MAN B . -14.95 7.40 -20.26
O2 MAN B . -13.59 10.57 -17.16
O3 MAN B . -16.00 9.74 -16.01
O4 MAN B . -16.95 8.08 -18.22
O5 MAN B . -13.34 8.13 -18.72
O6 MAN B . -14.12 6.33 -20.76
H1 MAN B . -11.88 8.73 -17.61
H2 MAN B . -13.44 9.36 -15.59
H3 MAN B . -15.39 7.87 -16.13
H4 MAN B . -15.63 9.56 -18.67
H5 MAN B . -14.75 6.65 -18.27
H61 MAN B . -14.76 8.31 -20.82
H62 MAN B . -16.00 7.15 -20.41
HO2 MAN B . -13.90 11.24 -16.50
HO3 MAN B . -16.06 9.49 -15.05
HO4 MAN B . -17.57 8.84 -18.34
HO6 MAN B . -13.31 6.74 -21.16
C1 MAN B . -13.69 2.36 -24.01
C2 MAN B . -12.42 2.86 -24.68
C3 MAN B . -12.09 4.27 -24.23
C4 MAN B . -13.30 5.17 -24.44
C5 MAN B . -14.52 4.58 -23.74
C6 MAN B . -15.77 5.39 -23.94
O2 MAN B . -12.56 2.90 -26.10
O3 MAN B . -10.98 4.80 -24.96
O4 MAN B . -13.09 6.44 -23.85
O5 MAN B . -14.76 3.25 -24.21
O6 MAN B . -16.88 4.74 -23.38
H1 MAN B . -14.09 1.47 -24.49
H2 MAN B . -11.64 2.16 -24.40
H3 MAN B . -11.81 4.23 -23.17
H4 MAN B . -13.45 5.36 -25.50
H5 MAN B . -14.33 4.52 -22.66
H61 MAN B . -16.01 5.55 -24.99
H62 MAN B . -15.73 6.38 -23.48
HO3 MAN B . -10.32 5.12 -24.30
HO4 MAN B . -12.83 7.09 -24.57
HO6 MAN B . -17.66 4.90 -23.97
C1 MAN B . -11.37 2.65 -26.79
C2 MAN B . -11.60 2.93 -28.26
C3 MAN B . -12.70 2.02 -28.79
C4 MAN B . -12.41 0.58 -28.46
C5 MAN B . -12.13 0.42 -26.96
C6 MAN B . -11.73 -0.99 -26.56
O2 MAN B . -10.38 2.70 -28.95
O3 MAN B . -12.80 2.18 -30.20
O4 MAN B . -13.53 -0.24 -28.78
O5 MAN B . -11.06 1.29 -26.59
O6 MAN B . -11.16 -1.02 -25.27
H1 MAN B . -10.50 3.20 -26.42
H2 MAN B . -11.83 3.98 -28.47
H3 MAN B . -13.68 2.33 -28.42
H4 MAN B . -11.55 0.23 -29.04
H5 MAN B . -13.04 0.67 -26.42
H61 MAN B . -10.99 -1.43 -27.22
H62 MAN B . -12.58 -1.67 -26.53
HO2 MAN B . -10.09 3.54 -29.39
HO3 MAN B . -11.93 1.95 -30.62
HO4 MAN B . -13.37 -0.63 -29.69
HO6 MAN B . -10.55 -1.81 -25.24
N ASN C . -11.78 -12.44 -21.48
CA ASN C . -12.33 -12.96 -20.20
C ASN C . -13.23 -14.16 -20.41
O ASN C . -13.36 -14.68 -21.50
CB ASN C . -13.09 -11.86 -19.47
CG ASN C . -12.16 -10.84 -18.94
OD1 ASN C . -10.96 -10.91 -19.13
ND2 ASN C . -12.73 -9.86 -18.22
OXT ASN C . -13.84 -14.60 -19.42
H1 ASN C . -11.11 -11.88 -21.30
H2 ASN C . -11.48 -13.11 -21.98
H3 ASN C . -12.42 -12.00 -21.92
HA ASN C . -11.59 -13.26 -19.65
HB2 ASN C . -13.71 -11.44 -20.08
HB3 ASN C . -13.58 -12.25 -18.72
HD21 ASN C . -13.59 -9.83 -18.13
C1 GOL D . -22.40 -6.91 8.77
O1 GOL D . -21.91 -7.55 10.04
C2 GOL D . -23.88 -6.51 9.19
O2 GOL D . -24.76 -7.61 9.15
C3 GOL D . -24.37 -5.35 8.43
O3 GOL D . -25.52 -4.84 9.05
H11 GOL D . -21.90 -6.14 8.50
H12 GOL D . -22.42 -7.51 8.01
HO1 GOL D . -21.69 -6.92 10.56
H2 GOL D . -23.83 -6.20 10.11
HO2 GOL D . -24.97 -7.81 9.96
H31 GOL D . -24.52 -5.62 7.52
H32 GOL D . -23.65 -4.69 8.39
HO3 GOL D . -25.83 -5.46 9.54
#